data_3IGJ
#
_entry.id   3IGJ
#
_cell.length_a   121.966
_cell.length_b   121.966
_cell.length_c   142.441
_cell.angle_alpha   90.00
_cell.angle_beta   90.00
_cell.angle_gamma   90.00
#
_symmetry.space_group_name_H-M   'P 41 21 2'
#
loop_
_entity.id
_entity.type
_entity.pdbx_description
1 polymer 'Maltose O-acetyltransferase'
2 non-polymer 'ACETYL COENZYME *A'
3 non-polymer 'SULFATE ION'
4 non-polymer GLYCEROL
5 non-polymer 'FORMIC ACID'
6 water water
#
_entity_poly.entity_id   1
_entity_poly.type   'polypeptide(L)'
_entity_poly.pdbx_seq_one_letter_code
;SNA(MSE)KTEKDK(MSE)LAGE(MSE)YIADDEELVADRVEAKRLTRLYNEAVETGDERRFTLLNQLLGSSADGKAQIN
PDFRCDYGYNIHVGKSFFANFNCVILDVCEVRIGDHC(MSE)FAPGVHIYTATHPLHPVERNSGKEYGKPVKIGNNVWVG
GGAIINPGVSIGDNAVIASGAVVTKDVPNNVVVGGNPAKVIKTIEE
;
_entity_poly.pdbx_strand_id   A,B,C
#
# COMPACT_ATOMS: atom_id res chain seq x y z
N LYS A 5 -30.49 21.33 -6.50
CA LYS A 5 -29.83 20.04 -6.30
C LYS A 5 -28.45 20.21 -5.65
N THR A 6 -28.17 19.36 -4.68
CA THR A 6 -26.99 19.49 -3.85
C THR A 6 -25.71 19.06 -4.56
N GLU A 7 -24.57 19.53 -4.05
CA GLU A 7 -23.28 19.05 -4.52
C GLU A 7 -23.18 17.52 -4.34
N LYS A 8 -23.74 17.01 -3.25
CA LYS A 8 -23.84 15.56 -3.05
C LYS A 8 -24.64 14.89 -4.15
N ASP A 9 -25.64 15.60 -4.67
CA ASP A 9 -26.46 15.06 -5.76
C ASP A 9 -25.61 14.91 -7.02
N LYS A 10 -24.90 15.98 -7.36
CA LYS A 10 -24.05 15.94 -8.53
C LYS A 10 -22.98 14.86 -8.38
N LEU A 12 -23.02 11.97 -6.72
CA LEU A 12 -23.54 10.64 -6.96
C LEU A 12 -23.91 10.41 -8.42
N ALA A 13 -24.24 11.50 -9.12
CA ALA A 13 -24.69 11.42 -10.51
C ALA A 13 -23.52 11.40 -11.49
N GLY A 14 -22.31 11.50 -10.99
CA GLY A 14 -21.15 11.43 -11.84
C GLY A 14 -20.84 12.77 -12.49
N GLU A 15 -21.42 13.84 -11.95
CA GLU A 15 -21.20 15.17 -12.47
C GLU A 15 -20.14 15.93 -11.67
N TYR A 17 -18.71 18.14 -9.06
CA TYR A 17 -19.19 18.58 -7.76
C TYR A 17 -18.06 19.30 -7.05
N ILE A 18 -18.42 20.12 -6.07
CA ILE A 18 -17.47 20.89 -5.31
C ILE A 18 -17.08 20.05 -4.08
N ALA A 19 -15.83 19.61 -4.07
CA ALA A 19 -15.35 18.70 -3.04
C ALA A 19 -15.48 19.30 -1.65
N ASP A 20 -15.40 20.62 -1.55
CA ASP A 20 -15.38 21.27 -0.24
C ASP A 20 -16.74 21.76 0.24
N ASP A 21 -17.79 21.40 -0.50
CA ASP A 21 -19.15 21.53 0.00
C ASP A 21 -19.26 21.13 1.48
N GLU A 22 -19.99 21.93 2.24
CA GLU A 22 -20.13 21.70 3.68
C GLU A 22 -20.60 20.28 4.04
N GLU A 23 -21.59 19.78 3.32
CA GLU A 23 -22.14 18.46 3.66
C GLU A 23 -21.16 17.33 3.37
N LEU A 24 -20.52 17.40 2.21
CA LEU A 24 -19.56 16.40 1.80
C LEU A 24 -18.37 16.35 2.76
N VAL A 25 -17.83 17.51 3.09
CA VAL A 25 -16.74 17.62 4.02
C VAL A 25 -17.05 16.95 5.36
N ALA A 26 -18.23 17.22 5.91
CA ALA A 26 -18.64 16.59 7.17
C ALA A 26 -18.80 15.09 7.00
N ASP A 27 -19.30 14.68 5.84
CA ASP A 27 -19.41 13.26 5.57
C ASP A 27 -18.05 12.57 5.67
N ARG A 28 -17.05 13.16 5.01
CA ARG A 28 -15.70 12.60 4.95
C ARG A 28 -15.05 12.58 6.33
N VAL A 29 -15.31 13.61 7.11
CA VAL A 29 -14.77 13.71 8.46
C VAL A 29 -15.39 12.66 9.37
N GLU A 30 -16.70 12.45 9.24
CA GLU A 30 -17.36 11.40 10.00
C GLU A 30 -16.80 10.03 9.60
N ALA A 31 -16.65 9.81 8.29
CA ALA A 31 -16.13 8.54 7.80
C ALA A 31 -14.75 8.20 8.39
N LYS A 32 -13.83 9.16 8.37
CA LYS A 32 -12.50 8.95 8.93
C LYS A 32 -12.57 8.58 10.40
N ARG A 33 -13.41 9.33 11.12
CA ARG A 33 -13.54 9.20 12.56
C ARG A 33 -14.09 7.79 12.89
N LEU A 34 -15.09 7.35 12.14
CA LEU A 34 -15.68 6.00 12.36
C LEU A 34 -14.78 4.84 11.90
N THR A 35 -14.09 5.05 10.80
CA THR A 35 -13.05 4.14 10.32
C THR A 35 -11.96 3.82 11.35
N ARG A 36 -11.45 4.84 12.03
CA ARG A 36 -10.52 4.64 13.12
C ARG A 36 -11.11 3.71 14.20
N LEU A 37 -12.35 3.97 14.61
CA LEU A 37 -13.03 3.12 15.58
C LEU A 37 -13.20 1.72 15.05
N TYR A 38 -13.66 1.58 13.81
CA TYR A 38 -13.76 0.26 13.21
C TYR A 38 -12.42 -0.49 13.21
N ASN A 39 -11.37 0.19 12.72
CA ASN A 39 -10.06 -0.44 12.59
C ASN A 39 -9.54 -0.91 13.94
N GLU A 40 -9.76 -0.08 14.97
CA GLU A 40 -9.41 -0.48 16.34
C GLU A 40 -10.21 -1.70 16.79
N ALA A 41 -11.51 -1.69 16.51
CA ALA A 41 -12.35 -2.85 16.83
C ALA A 41 -11.80 -4.12 16.18
N VAL A 42 -11.54 -4.09 14.87
CA VAL A 42 -10.97 -5.30 14.24
C VAL A 42 -9.63 -5.70 14.81
N GLU A 43 -8.75 -4.72 14.99
CA GLU A 43 -7.41 -5.01 15.51
C GLU A 43 -7.46 -5.69 16.89
N THR A 44 -8.38 -5.24 17.74
CA THR A 44 -8.41 -5.74 19.11
C THR A 44 -9.35 -6.95 19.24
N GLY A 45 -10.08 -7.26 18.18
CA GLY A 45 -10.87 -8.47 18.17
C GLY A 45 -12.22 -8.33 18.83
N ASP A 46 -12.73 -7.12 18.91
CA ASP A 46 -13.99 -6.89 19.56
C ASP A 46 -15.18 -7.18 18.66
N GLU A 47 -16.17 -7.89 19.17
N GLU A 47 -16.17 -7.90 19.19
CA GLU A 47 -17.27 -8.33 18.31
CA GLU A 47 -17.33 -8.31 18.38
C GLU A 47 -18.19 -7.17 17.92
C GLU A 47 -18.07 -7.13 17.82
N ARG A 48 -17.94 -5.99 18.49
CA ARG A 48 -18.63 -4.78 18.06
C ARG A 48 -18.03 -4.23 16.76
N ARG A 49 -17.01 -4.90 16.24
CA ARG A 49 -16.54 -4.54 14.90
C ARG A 49 -17.66 -4.55 13.85
N PHE A 50 -18.54 -5.55 13.92
CA PHE A 50 -19.62 -5.66 12.92
C PHE A 50 -20.59 -4.50 13.01
N THR A 51 -20.96 -4.15 14.23
CA THR A 51 -21.94 -3.09 14.38
C THR A 51 -21.38 -1.83 13.75
N LEU A 52 -20.12 -1.57 14.03
CA LEU A 52 -19.44 -0.41 13.50
C LEU A 52 -19.41 -0.44 11.96
N LEU A 53 -18.84 -1.50 11.38
CA LEU A 53 -18.87 -1.66 9.93
C LEU A 53 -20.26 -1.39 9.32
N ASN A 54 -21.31 -1.92 9.93
CA ASN A 54 -22.65 -1.80 9.37
C ASN A 54 -23.15 -0.37 9.43
N GLN A 55 -22.55 0.43 10.31
CA GLN A 55 -22.82 1.85 10.36
C GLN A 55 -22.04 2.63 9.31
N LEU A 56 -20.94 2.02 8.84
CA LEU A 56 -20.02 2.68 7.90
C LEU A 56 -20.35 2.35 6.44
N LEU A 57 -20.41 1.07 6.11
CA LEU A 57 -20.79 0.65 4.77
C LEU A 57 -22.20 1.11 4.46
N GLY A 58 -22.46 1.34 3.17
CA GLY A 58 -23.78 1.71 2.71
C GLY A 58 -24.73 0.55 3.01
N SER A 59 -24.30 -0.65 2.65
CA SER A 59 -25.10 -1.83 2.93
C SER A 59 -24.26 -3.08 2.75
N SER A 60 -24.70 -4.13 3.42
CA SER A 60 -24.05 -5.42 3.38
C SER A 60 -25.20 -6.42 3.32
N ALA A 61 -25.12 -7.40 2.45
CA ALA A 61 -26.23 -8.34 2.30
C ALA A 61 -26.43 -9.16 3.55
N ASP A 62 -25.35 -9.46 4.28
CA ASP A 62 -25.51 -10.29 5.48
C ASP A 62 -25.06 -9.62 6.80
N GLY A 63 -24.70 -8.35 6.77
CA GLY A 63 -24.21 -7.66 7.96
C GLY A 63 -22.98 -8.29 8.63
N LYS A 64 -22.33 -9.20 7.92
CA LYS A 64 -21.22 -9.96 8.44
C LYS A 64 -19.95 -9.87 7.57
N ALA A 65 -19.77 -8.75 6.87
CA ALA A 65 -18.56 -8.48 6.10
C ALA A 65 -17.32 -8.49 6.98
N GLN A 66 -16.28 -9.16 6.50
CA GLN A 66 -15.05 -9.39 7.23
C GLN A 66 -13.95 -8.55 6.57
N ILE A 67 -13.66 -7.38 7.12
CA ILE A 67 -12.65 -6.46 6.56
C ILE A 67 -11.49 -6.17 7.54
N ASN A 68 -10.28 -6.60 7.20
CA ASN A 68 -9.12 -6.38 8.05
C ASN A 68 -8.62 -4.92 8.07
N PRO A 69 -7.80 -4.59 9.07
CA PRO A 69 -7.26 -3.24 9.24
C PRO A 69 -6.08 -3.02 8.27
N ASP A 70 -5.73 -1.77 7.94
CA ASP A 70 -6.57 -0.61 8.23
C ASP A 70 -7.36 -0.30 6.95
N PHE A 71 -8.67 -0.50 7.03
CA PHE A 71 -9.56 -0.16 5.96
C PHE A 71 -9.61 1.35 5.86
N ARG A 72 -9.71 1.89 4.65
CA ARG A 72 -9.91 3.33 4.51
C ARG A 72 -10.95 3.60 3.44
N CYS A 73 -11.79 4.60 3.68
CA CYS A 73 -12.73 5.00 2.66
C CYS A 73 -13.06 6.48 2.76
N ASP A 74 -13.69 6.96 1.72
CA ASP A 74 -14.11 8.34 1.60
C ASP A 74 -15.39 8.65 2.38
N TYR A 75 -16.47 7.92 2.03
CA TYR A 75 -17.80 8.15 2.60
C TYR A 75 -18.30 6.92 3.31
N GLY A 76 -17.99 5.75 2.77
CA GLY A 76 -18.45 4.50 3.34
C GLY A 76 -19.86 4.18 2.84
N TYR A 77 -20.75 5.15 2.92
CA TYR A 77 -22.14 4.91 2.59
C TYR A 77 -22.45 4.63 1.12
N ASN A 78 -21.45 4.74 0.25
CA ASN A 78 -21.65 4.41 -1.16
C ASN A 78 -21.16 3.03 -1.51
N ILE A 79 -20.77 2.28 -0.48
CA ILE A 79 -20.24 0.94 -0.68
C ILE A 79 -21.32 -0.05 -0.32
N HIS A 80 -21.63 -0.95 -1.25
CA HIS A 80 -22.67 -1.95 -1.06
C HIS A 80 -22.11 -3.28 -1.45
N VAL A 81 -22.06 -4.21 -0.51
CA VAL A 81 -21.49 -5.52 -0.76
C VAL A 81 -22.52 -6.63 -0.59
N GLY A 82 -22.33 -7.73 -1.32
CA GLY A 82 -23.19 -8.88 -1.21
C GLY A 82 -22.89 -9.65 0.05
N LYS A 83 -22.98 -10.97 -0.01
CA LYS A 83 -22.79 -11.77 1.20
C LYS A 83 -21.41 -12.35 1.24
N SER A 84 -21.00 -12.75 2.45
CA SER A 84 -19.66 -13.26 2.68
C SER A 84 -18.54 -12.41 2.08
N PHE A 85 -18.71 -11.08 2.12
CA PHE A 85 -17.61 -10.19 1.69
C PHE A 85 -16.33 -10.32 2.55
N PHE A 86 -15.20 -10.48 1.87
CA PHE A 86 -13.91 -10.46 2.57
C PHE A 86 -12.86 -9.53 1.93
N ALA A 87 -12.31 -8.63 2.74
CA ALA A 87 -11.16 -7.83 2.33
C ALA A 87 -10.06 -7.98 3.34
N ASN A 88 -8.87 -8.37 2.87
CA ASN A 88 -7.70 -8.48 3.73
C ASN A 88 -7.05 -7.13 4.07
N PHE A 89 -5.85 -7.13 4.65
CA PHE A 89 -5.22 -5.88 5.17
C PHE A 89 -5.16 -4.69 4.18
N ASN A 90 -5.46 -3.52 4.68
CA ASN A 90 -5.10 -2.27 4.03
C ASN A 90 -5.78 -2.02 2.70
N CYS A 91 -7.07 -2.30 2.63
CA CYS A 91 -7.81 -1.99 1.43
C CYS A 91 -8.30 -0.53 1.50
N VAL A 92 -8.35 0.12 0.34
CA VAL A 92 -8.83 1.49 0.23
C VAL A 92 -9.91 1.56 -0.81
N ILE A 93 -11.05 2.14 -0.43
CA ILE A 93 -12.13 2.33 -1.38
C ILE A 93 -12.60 3.78 -1.40
N LEU A 94 -12.37 4.47 -2.52
CA LEU A 94 -12.87 5.84 -2.71
C LEU A 94 -14.26 5.78 -3.35
N ASP A 95 -15.28 5.92 -2.51
CA ASP A 95 -16.64 5.69 -2.93
C ASP A 95 -17.36 7.03 -3.13
N VAL A 96 -16.79 7.92 -3.94
CA VAL A 96 -17.50 9.15 -4.26
C VAL A 96 -18.80 8.81 -5.04
N CYS A 97 -18.71 7.80 -5.91
CA CYS A 97 -19.87 7.21 -6.54
C CYS A 97 -20.06 5.79 -6.02
N GLU A 98 -21.22 5.21 -6.31
CA GLU A 98 -21.57 3.87 -5.93
C GLU A 98 -20.43 2.87 -6.23
N VAL A 99 -20.15 1.99 -5.25
CA VAL A 99 -19.27 0.87 -5.46
C VAL A 99 -20.11 -0.33 -5.05
N ARG A 100 -20.42 -1.17 -6.03
CA ARG A 100 -21.37 -2.22 -5.84
C ARG A 100 -20.63 -3.52 -6.04
N ILE A 101 -20.61 -4.34 -5.01
CA ILE A 101 -19.85 -5.57 -5.03
C ILE A 101 -20.78 -6.74 -4.77
N GLY A 102 -20.65 -7.79 -5.58
CA GLY A 102 -21.49 -8.97 -5.48
C GLY A 102 -21.33 -9.83 -4.24
N ASP A 103 -21.71 -11.11 -4.37
CA ASP A 103 -21.61 -12.09 -3.29
C ASP A 103 -20.31 -12.85 -3.42
N HIS A 104 -19.86 -13.42 -2.31
CA HIS A 104 -18.63 -14.20 -2.24
C HIS A 104 -17.40 -13.58 -2.92
N CYS A 105 -17.25 -12.26 -2.77
CA CYS A 105 -16.08 -11.59 -3.33
C CYS A 105 -14.96 -11.51 -2.29
N PHE A 107 -11.19 -9.69 -1.57
CA PHE A 107 -10.03 -8.83 -1.81
C PHE A 107 -8.83 -9.31 -1.01
N ALA A 108 -7.70 -9.54 -1.67
CA ALA A 108 -6.45 -9.77 -0.95
C ALA A 108 -5.96 -8.45 -0.30
N PRO A 109 -4.77 -8.44 0.33
CA PRO A 109 -4.38 -7.17 0.96
C PRO A 109 -4.02 -6.04 -0.02
N GLY A 110 -4.29 -4.81 0.39
CA GLY A 110 -3.86 -3.66 -0.38
C GLY A 110 -4.56 -3.43 -1.72
N VAL A 111 -5.75 -4.00 -1.89
CA VAL A 111 -6.58 -3.73 -3.05
C VAL A 111 -7.09 -2.32 -2.93
N HIS A 112 -6.99 -1.56 -4.01
CA HIS A 112 -7.61 -0.23 -4.07
C HIS A 112 -8.71 -0.18 -5.13
N ILE A 113 -9.86 0.33 -4.76
CA ILE A 113 -10.97 0.63 -5.67
C ILE A 113 -11.22 2.14 -5.67
N TYR A 114 -11.10 2.74 -6.84
CA TYR A 114 -11.34 4.18 -7.02
C TYR A 114 -12.53 4.48 -7.90
N THR A 115 -13.51 5.20 -7.36
CA THR A 115 -14.47 5.84 -8.22
C THR A 115 -14.11 7.32 -8.42
N ALA A 116 -13.33 7.90 -7.51
CA ALA A 116 -12.90 9.29 -7.59
C ALA A 116 -11.87 9.50 -8.70
N THR A 117 -11.99 10.60 -9.42
CA THR A 117 -11.00 10.99 -10.42
C THR A 117 -11.00 12.51 -10.68
N HIS A 118 -10.19 12.96 -11.61
CA HIS A 118 -10.03 14.39 -11.84
C HIS A 118 -9.96 14.68 -13.33
N PRO A 119 -10.25 15.92 -13.72
CA PRO A 119 -9.99 16.37 -15.09
C PRO A 119 -8.48 16.34 -15.41
N LEU A 120 -8.17 15.91 -16.63
CA LEU A 120 -6.80 15.88 -17.11
C LEU A 120 -6.18 17.27 -17.22
N HIS A 121 -7.01 18.28 -17.47
CA HIS A 121 -6.50 19.65 -17.66
C HIS A 121 -6.31 20.45 -16.38
N PRO A 122 -5.16 21.10 -16.27
CA PRO A 122 -4.78 21.75 -15.02
C PRO A 122 -5.86 22.68 -14.44
N VAL A 123 -6.35 23.61 -15.25
CA VAL A 123 -7.24 24.63 -14.74
C VAL A 123 -8.50 24.03 -14.14
N GLU A 124 -9.14 23.13 -14.88
CA GLU A 124 -10.34 22.42 -14.41
C GLU A 124 -10.03 21.60 -13.15
N ARG A 125 -8.89 20.92 -13.15
CA ARG A 125 -8.54 20.08 -12.02
C ARG A 125 -8.40 20.89 -10.76
N ASN A 126 -7.98 22.14 -10.91
CA ASN A 126 -7.61 22.97 -9.77
C ASN A 126 -8.74 23.88 -9.35
N SER A 127 -9.87 23.72 -10.04
CA SER A 127 -11.00 24.60 -9.89
C SER A 127 -11.86 24.27 -8.66
N GLY A 128 -11.46 23.29 -7.86
CA GLY A 128 -12.22 22.93 -6.67
C GLY A 128 -13.38 21.99 -6.95
N LYS A 129 -13.52 21.57 -8.20
CA LYS A 129 -14.55 20.60 -8.59
C LYS A 129 -13.91 19.29 -9.05
N GLU A 130 -14.51 18.15 -8.67
CA GLU A 130 -14.07 16.82 -9.12
C GLU A 130 -15.27 16.02 -9.58
N TYR A 131 -15.04 14.78 -10.04
CA TYR A 131 -16.16 13.87 -10.31
C TYR A 131 -15.80 12.39 -10.09
N GLY A 132 -16.76 11.49 -10.26
CA GLY A 132 -16.46 10.08 -10.13
C GLY A 132 -17.16 9.25 -11.20
N LYS A 133 -16.87 7.96 -11.23
CA LYS A 133 -17.58 7.00 -12.06
C LYS A 133 -17.71 5.74 -11.21
N PRO A 134 -18.90 5.19 -11.12
CA PRO A 134 -19.10 4.03 -10.26
C PRO A 134 -18.37 2.79 -10.73
N VAL A 135 -18.23 1.84 -9.82
CA VAL A 135 -17.51 0.63 -10.08
C VAL A 135 -18.47 -0.46 -9.69
N LYS A 136 -18.55 -1.49 -10.52
CA LYS A 136 -19.42 -2.61 -10.24
C LYS A 136 -18.61 -3.87 -10.34
N ILE A 137 -18.73 -4.71 -9.32
CA ILE A 137 -18.02 -5.97 -9.27
C ILE A 137 -19.06 -7.04 -9.06
N GLY A 138 -19.05 -8.04 -9.95
CA GLY A 138 -20.02 -9.13 -9.91
C GLY A 138 -19.81 -10.10 -8.76
N ASN A 139 -20.29 -11.34 -8.93
CA ASN A 139 -20.19 -12.35 -7.88
C ASN A 139 -18.96 -13.22 -8.08
N ASN A 140 -18.49 -13.80 -6.97
CA ASN A 140 -17.34 -14.70 -6.98
C ASN A 140 -16.09 -14.14 -7.64
N VAL A 141 -15.90 -12.83 -7.52
CA VAL A 141 -14.68 -12.17 -7.97
C VAL A 141 -13.58 -12.24 -6.91
N TRP A 142 -12.41 -12.69 -7.33
CA TRP A 142 -11.25 -12.75 -6.46
C TRP A 142 -10.30 -11.68 -6.97
N VAL A 143 -10.11 -10.61 -6.20
CA VAL A 143 -9.10 -9.62 -6.52
C VAL A 143 -7.79 -9.86 -5.75
N GLY A 144 -6.73 -10.14 -6.47
CA GLY A 144 -5.43 -10.34 -5.88
C GLY A 144 -4.78 -9.11 -5.27
N GLY A 145 -3.76 -9.37 -4.45
CA GLY A 145 -3.10 -8.34 -3.67
C GLY A 145 -2.55 -7.18 -4.47
N GLY A 146 -2.84 -5.99 -3.97
CA GLY A 146 -2.31 -4.78 -4.55
C GLY A 146 -2.85 -4.47 -5.93
N ALA A 147 -3.96 -5.10 -6.30
CA ALA A 147 -4.62 -4.71 -7.54
C ALA A 147 -5.24 -3.32 -7.40
N ILE A 148 -5.37 -2.65 -8.52
CA ILE A 148 -5.99 -1.35 -8.59
C ILE A 148 -7.17 -1.46 -9.55
N ILE A 149 -8.31 -0.94 -9.14
CA ILE A 149 -9.50 -0.98 -9.96
C ILE A 149 -9.96 0.44 -10.20
N ASN A 150 -9.86 0.89 -11.45
CA ASN A 150 -10.07 2.30 -11.79
C ASN A 150 -11.52 2.72 -11.86
N PRO A 151 -11.76 4.04 -11.83
CA PRO A 151 -13.14 4.55 -11.91
C PRO A 151 -13.85 4.03 -13.15
N GLY A 152 -15.12 3.70 -13.01
CA GLY A 152 -15.90 3.29 -14.15
C GLY A 152 -15.82 1.82 -14.52
N VAL A 153 -14.87 1.10 -13.97
CA VAL A 153 -14.66 -0.30 -14.35
C VAL A 153 -15.75 -1.25 -13.85
N SER A 154 -16.04 -2.29 -14.63
CA SER A 154 -16.98 -3.33 -14.22
C SER A 154 -16.25 -4.63 -14.31
N ILE A 155 -16.52 -5.49 -13.34
CA ILE A 155 -15.88 -6.79 -13.36
C ILE A 155 -16.97 -7.83 -13.27
N GLY A 156 -16.96 -8.74 -14.24
CA GLY A 156 -18.01 -9.73 -14.36
C GLY A 156 -17.83 -10.91 -13.43
N ASP A 157 -18.90 -11.68 -13.26
CA ASP A 157 -18.87 -12.85 -12.39
C ASP A 157 -17.67 -13.74 -12.62
N ASN A 158 -17.16 -14.31 -11.53
CA ASN A 158 -16.10 -15.32 -11.56
C ASN A 158 -14.77 -14.84 -12.10
N ALA A 159 -14.60 -13.52 -12.26
CA ALA A 159 -13.35 -13.02 -12.78
C ALA A 159 -12.32 -13.07 -11.66
N VAL A 160 -11.09 -13.45 -11.99
CA VAL A 160 -10.01 -13.27 -11.03
C VAL A 160 -8.99 -12.25 -11.50
N ILE A 161 -8.77 -11.24 -10.67
CA ILE A 161 -7.79 -10.20 -10.93
C ILE A 161 -6.46 -10.60 -10.33
N ALA A 162 -5.45 -10.83 -11.16
CA ALA A 162 -4.14 -11.18 -10.65
C ALA A 162 -3.63 -10.12 -9.68
N SER A 163 -2.70 -10.51 -8.80
CA SER A 163 -2.10 -9.55 -7.89
C SER A 163 -1.30 -8.51 -8.69
N GLY A 164 -1.34 -7.26 -8.23
CA GLY A 164 -0.62 -6.18 -8.87
C GLY A 164 -1.25 -5.60 -10.13
N ALA A 165 -2.41 -6.10 -10.52
CA ALA A 165 -3.00 -5.74 -11.80
C ALA A 165 -3.58 -4.37 -11.68
N VAL A 166 -3.36 -3.55 -12.71
CA VAL A 166 -3.99 -2.24 -12.84
C VAL A 166 -5.12 -2.36 -13.85
N VAL A 167 -6.33 -2.47 -13.33
CA VAL A 167 -7.49 -2.76 -14.15
C VAL A 167 -8.10 -1.47 -14.64
N THR A 168 -7.76 -1.12 -15.89
CA THR A 168 -8.11 0.17 -16.47
C THR A 168 -9.42 0.14 -17.26
N LYS A 169 -9.88 -1.06 -17.63
CA LYS A 169 -11.11 -1.20 -18.42
C LYS A 169 -11.87 -2.43 -17.98
N ASP A 170 -13.09 -2.59 -18.50
CA ASP A 170 -13.96 -3.69 -18.04
C ASP A 170 -13.38 -5.07 -18.20
N VAL A 171 -13.81 -5.94 -17.30
CA VAL A 171 -13.34 -7.30 -17.23
C VAL A 171 -14.58 -8.14 -17.39
N PRO A 172 -14.61 -8.96 -18.45
CA PRO A 172 -15.77 -9.83 -18.69
C PRO A 172 -15.79 -10.96 -17.67
N ASN A 173 -16.90 -11.69 -17.62
CA ASN A 173 -17.02 -12.88 -16.81
C ASN A 173 -15.95 -13.91 -17.08
N ASN A 174 -15.67 -14.72 -16.08
CA ASN A 174 -14.86 -15.90 -16.25
C ASN A 174 -13.50 -15.72 -16.91
N VAL A 175 -12.84 -14.61 -16.65
CA VAL A 175 -11.46 -14.48 -17.11
C VAL A 175 -10.51 -14.14 -15.96
N VAL A 176 -9.24 -14.42 -16.19
CA VAL A 176 -8.16 -13.94 -15.36
C VAL A 176 -7.48 -12.80 -16.10
N VAL A 177 -7.40 -11.63 -15.45
CA VAL A 177 -6.61 -10.53 -16.00
C VAL A 177 -5.37 -10.24 -15.15
N GLY A 178 -4.31 -9.74 -15.78
CA GLY A 178 -3.09 -9.41 -15.09
C GLY A 178 -2.30 -8.36 -15.82
N GLY A 179 -1.28 -7.82 -15.17
CA GLY A 179 -0.40 -6.84 -15.77
C GLY A 179 -0.76 -5.38 -15.51
N ASN A 180 0.02 -4.48 -16.12
CA ASN A 180 -0.10 -3.03 -15.92
C ASN A 180 0.20 -2.31 -17.23
N PRO A 181 -0.84 -1.93 -18.00
CA PRO A 181 -2.27 -2.05 -17.71
C PRO A 181 -2.72 -3.50 -17.87
N ALA A 182 -3.82 -3.87 -17.23
CA ALA A 182 -4.18 -5.28 -17.16
C ALA A 182 -4.75 -5.79 -18.47
N LYS A 183 -4.56 -7.09 -18.71
CA LYS A 183 -5.14 -7.73 -19.88
C LYS A 183 -5.49 -9.20 -19.62
N VAL A 184 -6.38 -9.78 -20.43
CA VAL A 184 -6.82 -11.15 -20.21
C VAL A 184 -5.65 -12.12 -20.36
N ILE A 185 -5.50 -13.01 -19.37
CA ILE A 185 -4.43 -14.00 -19.39
C ILE A 185 -4.94 -15.40 -19.67
N LYS A 186 -6.14 -15.69 -19.19
CA LYS A 186 -6.78 -16.97 -19.52
C LYS A 186 -8.25 -16.88 -19.21
N THR A 187 -9.04 -17.70 -19.89
CA THR A 187 -10.47 -17.78 -19.61
C THR A 187 -10.66 -18.94 -18.65
N ILE A 188 -11.78 -18.94 -17.93
CA ILE A 188 -12.05 -19.94 -16.91
C ILE A 188 -13.28 -20.74 -17.32
N GLU A 189 -13.27 -22.04 -17.01
CA GLU A 189 -14.28 -22.98 -17.53
C GLU A 189 -15.19 -23.55 -16.42
N GLU A 190 -15.91 -22.64 -15.74
CA GLU A 190 -16.81 -22.95 -14.63
C GLU A 190 -17.55 -21.69 -14.16
N LYS B 5 -5.55 -35.22 10.49
CA LYS B 5 -4.84 -33.93 10.48
C LYS B 5 -5.78 -32.82 10.94
N THR B 6 -5.24 -31.88 11.70
CA THR B 6 -5.98 -30.65 12.00
C THR B 6 -5.94 -29.73 10.79
N GLU B 7 -6.89 -28.80 10.73
CA GLU B 7 -6.86 -27.75 9.73
C GLU B 7 -5.50 -27.03 9.68
N LYS B 8 -4.96 -26.65 10.84
CA LYS B 8 -3.63 -26.07 10.91
C LYS B 8 -2.53 -26.98 10.33
N ASP B 9 -2.71 -28.29 10.43
CA ASP B 9 -1.75 -29.23 9.85
C ASP B 9 -1.79 -29.12 8.36
N LYS B 10 -3.01 -29.10 7.83
CA LYS B 10 -3.24 -29.05 6.40
C LYS B 10 -2.67 -27.76 5.81
N LEU B 12 -0.32 -25.61 6.88
CA LEU B 12 1.14 -25.58 6.81
C LEU B 12 1.66 -26.51 5.71
N ALA B 13 0.82 -27.43 5.29
CA ALA B 13 1.24 -28.51 4.40
C ALA B 13 0.96 -28.21 2.94
N GLY B 14 0.35 -27.07 2.67
CA GLY B 14 0.01 -26.71 1.31
C GLY B 14 -1.34 -27.25 0.84
N GLU B 15 -2.02 -27.96 1.72
CA GLU B 15 -3.26 -28.62 1.34
C GLU B 15 -4.41 -27.68 1.63
N TYR B 17 -7.43 -26.19 3.42
CA TYR B 17 -7.75 -26.17 4.84
C TYR B 17 -8.92 -25.22 5.08
N ILE B 18 -9.50 -25.32 6.27
CA ILE B 18 -10.66 -24.49 6.62
C ILE B 18 -10.20 -23.25 7.36
N ALA B 19 -10.28 -22.10 6.69
CA ALA B 19 -9.74 -20.86 7.21
C ALA B 19 -10.44 -20.45 8.49
N ASP B 20 -11.71 -20.84 8.65
N ASP B 20 -11.69 -20.92 8.63
CA ASP B 20 -12.43 -20.46 9.86
CA ASP B 20 -12.58 -20.59 9.74
C ASP B 20 -12.40 -21.53 10.96
C ASP B 20 -12.40 -21.54 10.95
N ASP B 21 -11.48 -22.49 10.82
CA ASP B 21 -11.18 -23.42 11.90
C ASP B 21 -10.90 -22.67 13.21
N GLU B 22 -11.45 -23.15 14.31
N GLU B 22 -11.46 -23.17 14.30
CA GLU B 22 -11.33 -22.45 15.59
CA GLU B 22 -11.32 -22.56 15.62
C GLU B 22 -9.88 -22.14 16.04
C GLU B 22 -9.89 -22.13 15.96
N GLU B 23 -8.94 -23.06 15.81
CA GLU B 23 -7.56 -22.79 16.19
C GLU B 23 -6.92 -21.70 15.31
N LEU B 24 -7.18 -21.79 14.00
CA LEU B 24 -6.63 -20.84 13.05
C LEU B 24 -7.17 -19.46 13.35
N VAL B 25 -8.48 -19.38 13.54
CA VAL B 25 -9.07 -18.12 13.93
C VAL B 25 -8.41 -17.52 15.17
N ALA B 26 -8.14 -18.33 16.19
CA ALA B 26 -7.59 -17.78 17.42
C ALA B 26 -6.14 -17.33 17.21
N ASP B 27 -5.40 -18.08 16.40
CA ASP B 27 -4.08 -17.67 16.01
C ASP B 27 -4.09 -16.28 15.35
N ARG B 28 -5.12 -15.99 14.56
CA ARG B 28 -5.14 -14.75 13.83
C ARG B 28 -5.54 -13.59 14.71
N VAL B 29 -6.48 -13.81 15.63
CA VAL B 29 -6.88 -12.68 16.44
C VAL B 29 -5.76 -12.39 17.41
N GLU B 30 -4.98 -13.40 17.74
CA GLU B 30 -3.80 -13.18 18.58
C GLU B 30 -2.72 -12.38 17.83
N ALA B 31 -2.45 -12.77 16.59
CA ALA B 31 -1.46 -12.07 15.78
C ALA B 31 -1.85 -10.59 15.59
N LYS B 32 -3.12 -10.33 15.29
CA LYS B 32 -3.58 -8.96 15.15
C LYS B 32 -3.37 -8.14 16.43
N ARG B 33 -3.76 -8.70 17.57
CA ARG B 33 -3.53 -8.06 18.86
C ARG B 33 -2.06 -7.75 19.16
N LEU B 34 -1.17 -8.71 18.94
CA LEU B 34 0.25 -8.51 19.22
C LEU B 34 0.86 -7.50 18.23
N THR B 35 0.47 -7.62 16.96
CA THR B 35 0.91 -6.71 15.92
C THR B 35 0.56 -5.28 16.30
N ARG B 36 -0.62 -5.05 16.88
CA ARG B 36 -1.00 -3.71 17.29
C ARG B 36 -0.03 -3.12 18.33
N LEU B 37 0.27 -3.91 19.36
CA LEU B 37 1.27 -3.57 20.35
C LEU B 37 2.64 -3.33 19.71
N TYR B 38 3.05 -4.28 18.84
CA TYR B 38 4.33 -4.08 18.16
C TYR B 38 4.41 -2.74 17.43
N ASN B 39 3.40 -2.47 16.59
CA ASN B 39 3.32 -1.23 15.85
C ASN B 39 3.39 0.02 16.72
N GLU B 40 2.63 0.02 17.82
N GLU B 40 2.62 0.03 17.83
CA GLU B 40 2.67 1.12 18.79
CA GLU B 40 2.69 1.14 18.77
C GLU B 40 4.09 1.25 19.34
C GLU B 40 4.10 1.25 19.35
N ALA B 41 4.71 0.11 19.64
CA ALA B 41 6.06 0.12 20.18
C ALA B 41 7.04 0.72 19.17
N VAL B 42 7.00 0.29 17.90
CA VAL B 42 8.01 0.80 17.00
C VAL B 42 7.70 2.25 16.63
N GLU B 43 6.42 2.59 16.57
CA GLU B 43 6.05 3.96 16.24
C GLU B 43 6.55 4.96 17.28
N THR B 44 6.52 4.57 18.55
CA THR B 44 6.86 5.51 19.61
C THR B 44 8.31 5.36 20.05
N GLY B 45 9.02 4.43 19.39
CA GLY B 45 10.43 4.20 19.62
C GLY B 45 10.76 3.51 20.95
N ASP B 46 9.96 2.53 21.35
CA ASP B 46 10.21 1.87 22.61
C ASP B 46 11.10 0.63 22.44
N GLU B 47 12.07 0.49 23.33
CA GLU B 47 13.00 -0.64 23.33
C GLU B 47 12.31 -2.00 23.38
N ARG B 48 11.12 -2.05 23.97
CA ARG B 48 10.39 -3.31 24.06
C ARG B 48 9.88 -3.78 22.71
N ARG B 49 10.09 -3.01 21.65
CA ARG B 49 9.60 -3.47 20.38
C ARG B 49 10.22 -4.81 20.00
N PHE B 50 11.48 -5.01 20.33
CA PHE B 50 12.13 -6.28 19.99
C PHE B 50 11.52 -7.45 20.76
N THR B 51 11.25 -7.22 22.02
CA THR B 51 10.62 -8.24 22.81
C THR B 51 9.31 -8.67 22.19
N LEU B 52 8.57 -7.70 21.67
CA LEU B 52 7.25 -7.96 21.11
C LEU B 52 7.39 -8.63 19.76
N LEU B 53 8.31 -8.12 18.96
CA LEU B 53 8.53 -8.69 17.63
C LEU B 53 8.90 -10.15 17.79
N ASN B 54 9.83 -10.42 18.72
CA ASN B 54 10.32 -11.78 18.97
C ASN B 54 9.28 -12.77 19.48
N GLN B 55 8.13 -12.27 19.91
CA GLN B 55 6.97 -13.11 20.20
C GLN B 55 6.02 -13.17 19.04
N LEU B 56 6.19 -12.29 18.06
CA LEU B 56 5.32 -12.30 16.90
C LEU B 56 5.93 -13.20 15.81
N LEU B 57 7.15 -12.90 15.39
CA LEU B 57 7.81 -13.67 14.36
C LEU B 57 8.07 -15.10 14.82
N GLY B 58 7.85 -16.06 13.92
CA GLY B 58 8.28 -17.41 14.20
C GLY B 58 9.74 -17.49 14.61
N SER B 59 10.62 -16.70 13.99
CA SER B 59 12.01 -16.66 14.42
C SER B 59 12.84 -15.61 13.70
N SER B 60 13.88 -15.12 14.37
CA SER B 60 14.90 -14.30 13.73
C SER B 60 16.28 -14.78 14.19
N ALA B 61 17.28 -14.65 13.33
CA ALA B 61 18.59 -15.18 13.67
C ALA B 61 19.22 -14.39 14.81
N ASP B 62 18.89 -13.13 14.96
CA ASP B 62 19.55 -12.35 16.00
C ASP B 62 18.61 -11.63 16.95
N GLY B 63 17.32 -11.99 16.95
CA GLY B 63 16.34 -11.27 17.74
C GLY B 63 16.35 -9.74 17.66
N LYS B 64 16.92 -9.17 16.60
CA LYS B 64 17.01 -7.71 16.42
C LYS B 64 16.51 -7.27 15.02
N ALA B 65 15.50 -7.94 14.48
CA ALA B 65 14.93 -7.55 13.20
C ALA B 65 14.33 -6.15 13.31
N GLN B 66 14.61 -5.29 12.33
CA GLN B 66 14.05 -3.92 12.25
C GLN B 66 12.91 -3.87 11.27
N ILE B 67 11.70 -3.72 11.78
CA ILE B 67 10.49 -3.68 10.96
C ILE B 67 9.67 -2.44 11.29
N ASN B 68 9.50 -1.55 10.31
CA ASN B 68 8.85 -0.28 10.54
C ASN B 68 7.32 -0.40 10.54
N PRO B 69 6.62 0.60 11.07
CA PRO B 69 5.15 0.48 11.16
C PRO B 69 4.47 0.76 9.79
N ASP B 70 3.22 0.34 9.57
CA ASP B 70 2.55 -0.69 10.35
C ASP B 70 2.75 -2.02 9.63
N PHE B 71 3.46 -2.93 10.28
CA PHE B 71 3.61 -4.29 9.78
C PHE B 71 2.29 -5.05 9.92
N ARG B 72 1.97 -5.90 8.96
CA ARG B 72 0.83 -6.81 9.12
C ARG B 72 1.27 -8.21 8.76
N CYS B 73 0.75 -9.17 9.51
CA CYS B 73 0.90 -10.57 9.14
C CYS B 73 -0.32 -11.37 9.60
N ASP B 74 -0.45 -12.58 9.08
CA ASP B 74 -1.56 -13.48 9.37
C ASP B 74 -1.39 -14.22 10.68
N TYR B 75 -0.22 -14.85 10.84
CA TYR B 75 0.06 -15.71 11.97
C TYR B 75 1.33 -15.23 12.67
N GLY B 76 2.35 -14.90 11.88
CA GLY B 76 3.59 -14.41 12.43
C GLY B 76 4.55 -15.55 12.65
N TYR B 77 4.04 -16.62 13.25
CA TYR B 77 4.90 -17.76 13.60
C TYR B 77 5.44 -18.51 12.41
N ASN B 78 4.84 -18.34 11.24
CA ASN B 78 5.40 -18.89 10.00
C ASN B 78 6.54 -18.09 9.37
N ILE B 79 6.83 -16.92 9.93
CA ILE B 79 7.86 -16.07 9.37
C ILE B 79 9.19 -16.35 10.06
N HIS B 80 10.19 -16.74 9.28
CA HIS B 80 11.52 -16.98 9.81
C HIS B 80 12.52 -16.18 9.01
N VAL B 81 13.24 -15.30 9.69
CA VAL B 81 14.17 -14.40 9.02
C VAL B 81 15.60 -14.58 9.55
N GLY B 82 16.59 -14.23 8.73
CA GLY B 82 17.99 -14.28 9.14
C GLY B 82 18.53 -13.05 9.86
N LYS B 83 19.82 -12.78 9.68
CA LYS B 83 20.54 -11.76 10.44
C LYS B 83 20.31 -10.39 9.84
N SER B 84 20.14 -9.40 10.70
CA SER B 84 20.01 -8.02 10.23
C SER B 84 18.87 -7.81 9.23
N PHE B 85 17.73 -8.41 9.48
CA PHE B 85 16.57 -8.18 8.62
C PHE B 85 16.05 -6.76 8.79
N PHE B 86 15.83 -6.08 7.66
CA PHE B 86 15.20 -4.77 7.66
C PHE B 86 13.96 -4.74 6.78
N ALA B 87 12.88 -4.16 7.29
CA ALA B 87 11.68 -3.91 6.46
C ALA B 87 11.17 -2.52 6.73
N ASN B 88 11.03 -1.73 5.68
CA ASN B 88 10.54 -0.39 5.86
C ASN B 88 9.01 -0.33 6.04
N PHE B 89 8.44 0.87 6.04
CA PHE B 89 7.03 1.09 6.33
C PHE B 89 6.09 0.13 5.60
N ASN B 90 5.06 -0.27 6.33
CA ASN B 90 3.89 -0.90 5.75
C ASN B 90 4.16 -2.20 4.98
N CYS B 91 5.03 -3.07 5.48
CA CYS B 91 5.14 -4.37 4.82
C CYS B 91 4.04 -5.33 5.25
N VAL B 92 3.60 -6.19 4.34
CA VAL B 92 2.59 -7.16 4.67
C VAL B 92 3.10 -8.56 4.31
N ILE B 93 3.02 -9.47 5.27
CA ILE B 93 3.34 -10.87 4.98
C ILE B 93 2.19 -11.81 5.35
N LEU B 94 1.59 -12.43 4.33
CA LEU B 94 0.56 -13.44 4.57
C LEU B 94 1.27 -14.78 4.69
N ASP B 95 1.47 -15.22 5.92
CA ASP B 95 2.31 -16.37 6.17
C ASP B 95 1.48 -17.60 6.56
N VAL B 96 0.51 -17.96 5.73
CA VAL B 96 -0.23 -19.23 5.93
C VAL B 96 0.71 -20.44 5.77
N CYS B 97 1.69 -20.32 4.88
CA CYS B 97 2.76 -21.30 4.82
C CYS B 97 4.02 -20.59 5.18
N GLU B 98 5.11 -21.34 5.17
CA GLU B 98 6.38 -20.84 5.64
C GLU B 98 6.87 -19.69 4.78
N VAL B 99 7.44 -18.68 5.44
CA VAL B 99 8.13 -17.63 4.76
C VAL B 99 9.54 -17.61 5.33
N ARG B 100 10.48 -18.06 4.53
CA ARG B 100 11.86 -18.20 4.95
C ARG B 100 12.66 -17.09 4.27
N ILE B 101 13.25 -16.21 5.07
CA ILE B 101 14.05 -15.11 4.55
C ILE B 101 15.47 -15.20 5.13
N GLY B 102 16.46 -15.06 4.26
CA GLY B 102 17.86 -15.17 4.63
C GLY B 102 18.47 -13.99 5.39
N ASP B 103 19.79 -13.87 5.32
CA ASP B 103 20.54 -12.87 6.06
C ASP B 103 20.73 -11.65 5.21
N HIS B 104 20.84 -10.51 5.89
CA HIS B 104 21.08 -9.24 5.23
C HIS B 104 20.08 -8.92 4.10
N CYS B 105 18.79 -9.19 4.36
CA CYS B 105 17.74 -8.84 3.42
C CYS B 105 17.11 -7.49 3.76
N PHE B 107 13.68 -4.94 2.82
CA PHE B 107 12.43 -4.59 2.14
C PHE B 107 12.25 -3.09 2.24
N ALA B 108 11.99 -2.45 1.10
CA ALA B 108 11.62 -1.03 1.05
C ALA B 108 10.14 -0.92 1.46
N PRO B 109 9.56 0.29 1.52
CA PRO B 109 8.17 0.33 2.00
C PRO B 109 7.20 -0.40 1.09
N GLY B 110 6.18 -0.98 1.70
CA GLY B 110 5.03 -1.47 0.99
C GLY B 110 5.21 -2.80 0.29
N VAL B 111 6.30 -3.48 0.59
CA VAL B 111 6.54 -4.82 0.06
C VAL B 111 5.52 -5.84 0.59
N HIS B 112 4.99 -6.66 -0.28
CA HIS B 112 4.02 -7.65 0.13
C HIS B 112 4.54 -9.01 -0.23
N ILE B 113 4.45 -9.93 0.73
CA ILE B 113 4.78 -11.33 0.45
C ILE B 113 3.57 -12.18 0.73
N TYR B 114 3.12 -12.90 -0.28
CA TYR B 114 1.92 -13.74 -0.14
C TYR B 114 2.29 -15.21 -0.25
N THR B 115 1.82 -16.01 0.71
CA THR B 115 1.83 -17.44 0.52
C THR B 115 0.38 -17.92 0.41
N ALA B 116 -0.56 -17.07 0.79
CA ALA B 116 -1.98 -17.41 0.68
C ALA B 116 -2.47 -17.35 -0.75
N THR B 117 -3.38 -18.24 -1.11
CA THR B 117 -3.98 -18.22 -2.44
C THR B 117 -5.36 -18.90 -2.48
N HIS B 118 -5.94 -18.96 -3.67
CA HIS B 118 -7.22 -19.61 -3.85
C HIS B 118 -7.29 -20.47 -5.12
N PRO B 119 -8.28 -21.36 -5.19
CA PRO B 119 -8.56 -22.02 -6.47
C PRO B 119 -9.13 -21.00 -7.48
N LEU B 120 -8.86 -21.22 -8.78
CA LEU B 120 -9.32 -20.31 -9.83
C LEU B 120 -10.81 -20.40 -10.07
N HIS B 121 -11.37 -21.56 -9.76
CA HIS B 121 -12.78 -21.82 -10.03
C HIS B 121 -13.65 -21.48 -8.84
N PRO B 122 -14.79 -20.82 -9.11
CA PRO B 122 -15.70 -20.20 -8.13
C PRO B 122 -16.21 -21.14 -7.04
N VAL B 123 -16.37 -22.41 -7.38
CA VAL B 123 -16.95 -23.35 -6.44
C VAL B 123 -15.91 -23.85 -5.45
N GLU B 124 -14.75 -24.28 -5.93
CA GLU B 124 -13.67 -24.62 -5.01
C GLU B 124 -13.33 -23.42 -4.12
N ARG B 125 -13.19 -22.25 -4.73
CA ARG B 125 -12.80 -21.05 -4.00
C ARG B 125 -13.82 -20.67 -2.96
N ASN B 126 -15.10 -20.74 -3.33
CA ASN B 126 -16.16 -20.33 -2.41
C ASN B 126 -16.49 -21.40 -1.39
N SER B 127 -15.68 -22.46 -1.35
CA SER B 127 -16.03 -23.64 -0.58
C SER B 127 -15.63 -23.57 0.90
N GLY B 128 -15.13 -22.44 1.37
CA GLY B 128 -14.63 -22.37 2.74
C GLY B 128 -13.24 -22.93 2.96
N LYS B 129 -12.66 -23.57 1.95
CA LYS B 129 -11.29 -24.06 2.04
C LYS B 129 -10.38 -23.23 1.13
N GLU B 130 -9.09 -23.23 1.43
CA GLU B 130 -8.10 -22.52 0.62
C GLU B 130 -6.74 -23.04 0.98
N TYR B 131 -5.69 -22.59 0.30
CA TYR B 131 -4.37 -23.16 0.59
C TYR B 131 -3.26 -22.16 0.37
N GLY B 132 -2.03 -22.59 0.58
CA GLY B 132 -0.91 -21.71 0.40
C GLY B 132 0.30 -22.39 -0.19
N LYS B 133 1.26 -21.61 -0.65
CA LYS B 133 2.54 -22.12 -1.11
C LYS B 133 3.61 -21.24 -0.50
N PRO B 134 4.59 -21.87 0.17
CA PRO B 134 5.66 -21.22 0.92
C PRO B 134 6.54 -20.39 0.01
N VAL B 135 7.18 -19.40 0.61
CA VAL B 135 8.01 -18.49 -0.15
C VAL B 135 9.37 -18.59 0.47
N LYS B 136 10.42 -18.56 -0.34
CA LYS B 136 11.79 -18.66 0.18
C LYS B 136 12.67 -17.59 -0.43
N ILE B 137 13.32 -16.79 0.41
CA ILE B 137 14.11 -15.67 -0.07
C ILE B 137 15.52 -15.85 0.45
N GLY B 138 16.51 -15.75 -0.43
CA GLY B 138 17.89 -16.05 -0.10
C GLY B 138 18.59 -15.02 0.75
N ASN B 139 19.91 -14.86 0.56
CA ASN B 139 20.73 -13.89 1.29
C ASN B 139 21.05 -12.68 0.45
N ASN B 140 21.23 -11.54 1.12
CA ASN B 140 21.46 -10.25 0.45
C ASN B 140 20.46 -9.91 -0.65
N VAL B 141 19.20 -10.29 -0.44
CA VAL B 141 18.13 -9.90 -1.35
C VAL B 141 17.64 -8.50 -0.97
N TRP B 142 17.62 -7.62 -1.95
CA TRP B 142 17.03 -6.30 -1.78
C TRP B 142 15.71 -6.25 -2.55
N VAL B 143 14.59 -6.15 -1.84
CA VAL B 143 13.29 -5.96 -2.47
C VAL B 143 12.89 -4.48 -2.46
N GLY B 144 12.73 -3.90 -3.66
CA GLY B 144 12.35 -2.50 -3.81
C GLY B 144 10.90 -2.20 -3.47
N GLY B 145 10.60 -0.92 -3.33
CA GLY B 145 9.31 -0.49 -2.83
C GLY B 145 8.11 -1.00 -3.60
N GLY B 146 7.11 -1.45 -2.85
CA GLY B 146 5.88 -1.90 -3.47
C GLY B 146 5.93 -3.18 -4.28
N ALA B 147 7.05 -3.90 -4.23
CA ALA B 147 7.11 -5.15 -4.95
C ALA B 147 6.12 -6.13 -4.32
N ILE B 148 5.74 -7.14 -5.09
CA ILE B 148 4.86 -8.23 -4.65
C ILE B 148 5.54 -9.55 -4.94
N ILE B 149 5.63 -10.40 -3.93
CA ILE B 149 6.21 -11.75 -4.09
C ILE B 149 5.05 -12.73 -3.96
N ASN B 150 4.68 -13.38 -5.06
CA ASN B 150 3.52 -14.28 -5.09
C ASN B 150 3.81 -15.60 -4.39
N PRO B 151 2.76 -16.37 -4.10
CA PRO B 151 2.93 -17.68 -3.44
C PRO B 151 3.82 -18.62 -4.19
N GLY B 152 4.65 -19.34 -3.45
CA GLY B 152 5.41 -20.44 -4.00
C GLY B 152 6.69 -20.00 -4.66
N VAL B 153 6.94 -18.69 -4.65
CA VAL B 153 8.10 -18.12 -5.32
C VAL B 153 9.35 -18.29 -4.48
N SER B 154 10.48 -18.52 -5.15
CA SER B 154 11.79 -18.55 -4.49
C SER B 154 12.68 -17.54 -5.17
N ILE B 155 13.51 -16.88 -4.39
CA ILE B 155 14.36 -15.82 -4.89
C ILE B 155 15.78 -16.08 -4.42
N GLY B 156 16.71 -16.20 -5.35
CA GLY B 156 18.05 -16.58 -5.00
C GLY B 156 18.83 -15.47 -4.36
N ASP B 157 20.08 -15.77 -4.01
CA ASP B 157 20.93 -14.87 -3.24
C ASP B 157 21.36 -13.69 -4.08
N ASN B 158 21.53 -12.54 -3.42
CA ASN B 158 22.03 -11.32 -4.07
C ASN B 158 21.11 -10.81 -5.18
N ALA B 159 19.85 -11.22 -5.15
CA ALA B 159 18.90 -10.75 -6.15
C ALA B 159 18.38 -9.36 -5.78
N VAL B 160 18.01 -8.58 -6.78
CA VAL B 160 17.44 -7.27 -6.56
C VAL B 160 16.08 -7.18 -7.26
N ILE B 161 15.01 -7.03 -6.48
CA ILE B 161 13.66 -6.82 -7.02
C ILE B 161 13.42 -5.33 -7.14
N ALA B 162 13.24 -4.84 -8.36
CA ALA B 162 13.02 -3.41 -8.62
C ALA B 162 11.69 -2.98 -8.01
N SER B 163 11.56 -1.70 -7.67
CA SER B 163 10.31 -1.19 -7.13
C SER B 163 9.11 -1.54 -8.04
N GLY B 164 7.99 -1.90 -7.42
CA GLY B 164 6.76 -2.12 -8.14
C GLY B 164 6.70 -3.43 -8.90
N ALA B 165 7.74 -4.23 -8.78
CA ALA B 165 7.80 -5.48 -9.51
C ALA B 165 6.80 -6.49 -8.98
N VAL B 166 6.13 -7.19 -9.89
CA VAL B 166 5.24 -8.29 -9.52
C VAL B 166 5.93 -9.61 -9.83
N VAL B 167 6.55 -10.20 -8.80
CA VAL B 167 7.35 -11.43 -8.97
C VAL B 167 6.44 -12.67 -9.01
N THR B 168 6.20 -13.19 -10.20
CA THR B 168 5.27 -14.30 -10.38
C THR B 168 5.95 -15.65 -10.51
N LYS B 169 7.27 -15.65 -10.69
CA LYS B 169 8.04 -16.87 -10.94
C LYS B 169 9.31 -16.80 -10.11
N ASP B 170 10.00 -17.93 -9.94
CA ASP B 170 11.26 -17.92 -9.20
C ASP B 170 12.23 -16.91 -9.80
N VAL B 171 13.16 -16.45 -8.98
CA VAL B 171 14.18 -15.51 -9.39
C VAL B 171 15.55 -16.07 -9.04
N PRO B 172 16.43 -16.19 -10.04
CA PRO B 172 17.75 -16.80 -9.84
C PRO B 172 18.62 -15.89 -9.01
N ASN B 173 19.80 -16.37 -8.64
CA ASN B 173 20.81 -15.57 -7.94
C ASN B 173 21.36 -14.48 -8.82
N ASN B 174 21.77 -13.39 -8.20
CA ASN B 174 22.50 -12.36 -8.90
C ASN B 174 21.83 -11.74 -10.13
N VAL B 175 20.50 -11.68 -10.12
CA VAL B 175 19.79 -10.89 -11.11
C VAL B 175 19.03 -9.71 -10.51
N VAL B 176 18.89 -8.63 -11.28
CA VAL B 176 17.86 -7.64 -11.05
C VAL B 176 16.64 -8.05 -11.89
N VAL B 177 15.45 -8.06 -11.27
CA VAL B 177 14.22 -8.30 -12.03
C VAL B 177 13.29 -7.12 -11.83
N GLY B 178 12.41 -6.89 -12.80
CA GLY B 178 11.52 -5.74 -12.78
C GLY B 178 10.34 -5.92 -13.69
N GLY B 179 9.28 -5.17 -13.47
CA GLY B 179 8.10 -5.26 -14.32
C GLY B 179 6.94 -5.99 -13.70
N ASN B 180 5.88 -6.13 -14.49
CA ASN B 180 4.62 -6.67 -14.01
C ASN B 180 3.93 -7.40 -15.16
N PRO B 181 4.15 -8.73 -15.29
CA PRO B 181 4.94 -9.59 -14.40
C PRO B 181 6.41 -9.33 -14.59
N ALA B 182 7.18 -9.51 -13.50
CA ALA B 182 8.59 -9.18 -13.49
C ALA B 182 9.37 -10.10 -14.41
N LYS B 183 10.46 -9.59 -14.96
CA LYS B 183 11.37 -10.36 -15.81
C LYS B 183 12.75 -9.92 -15.46
N VAL B 184 13.74 -10.74 -15.80
CA VAL B 184 15.12 -10.34 -15.63
C VAL B 184 15.47 -9.14 -16.51
N ILE B 185 16.16 -8.16 -15.93
CA ILE B 185 16.51 -6.97 -16.68
C ILE B 185 18.01 -6.67 -16.62
N LYS B 186 18.74 -7.48 -15.87
CA LYS B 186 20.15 -7.24 -15.67
C LYS B 186 20.73 -8.40 -14.88
N THR B 187 22.02 -8.63 -15.06
CA THR B 187 22.75 -9.59 -14.26
C THR B 187 23.79 -8.87 -13.43
N ILE B 188 23.80 -9.15 -12.14
CA ILE B 188 24.79 -8.60 -11.23
C ILE B 188 26.05 -9.46 -11.33
N GLU B 189 27.17 -8.82 -11.63
CA GLU B 189 28.41 -9.53 -11.93
C GLU B 189 29.27 -9.61 -10.67
N GLU B 190 29.12 -10.72 -9.93
CA GLU B 190 29.76 -10.89 -8.62
C GLU B 190 29.17 -9.96 -7.54
N ALA C 3 34.99 18.78 6.18
CA ALA C 3 35.14 19.93 7.09
C ALA C 3 34.87 19.47 8.53
N LYS C 5 32.09 17.96 8.76
CA LYS C 5 31.05 17.35 7.96
C LYS C 5 30.54 16.02 8.55
N THR C 6 29.23 15.96 8.78
CA THR C 6 28.62 14.76 9.37
C THR C 6 28.02 13.83 8.31
N GLU C 7 27.58 12.66 8.78
CA GLU C 7 26.91 11.72 7.91
C GLU C 7 25.65 12.37 7.30
N LYS C 8 24.89 13.09 8.11
CA LYS C 8 23.73 13.79 7.59
C LYS C 8 24.07 14.69 6.40
N ASP C 9 25.25 15.30 6.45
CA ASP C 9 25.65 16.19 5.37
C ASP C 9 25.89 15.40 4.09
N LYS C 10 26.55 14.26 4.20
CA LYS C 10 26.79 13.45 3.03
C LYS C 10 25.46 12.94 2.45
N LEU C 12 22.39 14.29 2.57
CA LEU C 12 21.70 15.35 1.86
C LEU C 12 22.35 15.62 0.50
N ALA C 13 23.66 15.45 0.42
CA ALA C 13 24.41 15.74 -0.79
C ALA C 13 24.38 14.58 -1.77
N GLY C 14 23.70 13.50 -1.42
CA GLY C 14 23.58 12.41 -2.35
C GLY C 14 24.80 11.52 -2.35
N GLU C 15 25.67 11.69 -1.36
CA GLU C 15 26.85 10.84 -1.21
C GLU C 15 26.50 9.64 -0.34
N TYR C 17 26.30 7.52 2.83
CA TYR C 17 26.22 7.91 4.23
C TYR C 17 25.92 6.66 5.06
N ILE C 18 26.30 6.72 6.33
CA ILE C 18 26.05 5.61 7.22
C ILE C 18 24.68 5.78 7.87
N ALA C 19 23.75 4.90 7.49
CA ALA C 19 22.35 5.02 7.86
C ALA C 19 22.19 5.07 9.38
N ASP C 20 23.02 4.32 10.09
CA ASP C 20 22.83 4.20 11.52
C ASP C 20 23.62 5.22 12.34
N ASP C 21 24.20 6.20 11.65
CA ASP C 21 24.68 7.39 12.32
C ASP C 21 23.67 7.83 13.35
N GLU C 22 24.10 7.96 14.60
CA GLU C 22 23.16 8.26 15.66
C GLU C 22 22.29 9.47 15.42
N GLU C 23 22.80 10.50 14.76
CA GLU C 23 21.96 11.68 14.55
C GLU C 23 20.81 11.31 13.60
N LEU C 24 21.14 10.56 12.56
CA LEU C 24 20.14 10.21 11.58
C LEU C 24 19.13 9.24 12.21
N VAL C 25 19.62 8.33 13.04
CA VAL C 25 18.74 7.36 13.68
C VAL C 25 17.74 8.08 14.57
N ALA C 26 18.21 9.10 15.27
CA ALA C 26 17.38 9.88 16.19
C ALA C 26 16.40 10.75 15.43
N ASP C 27 16.83 11.21 14.26
CA ASP C 27 15.94 11.96 13.39
C ASP C 27 14.75 11.09 12.94
N ARG C 28 15.04 9.86 12.56
CA ARG C 28 14.01 8.98 12.08
C ARG C 28 13.03 8.62 13.22
N VAL C 29 13.56 8.46 14.43
CA VAL C 29 12.73 8.16 15.59
C VAL C 29 11.82 9.33 15.90
N GLU C 30 12.33 10.54 15.79
CA GLU C 30 11.52 11.72 16.03
C GLU C 30 10.39 11.83 15.00
N ALA C 31 10.71 11.57 13.72
CA ALA C 31 9.75 11.67 12.62
C ALA C 31 8.61 10.69 12.87
N LYS C 32 8.96 9.47 13.26
CA LYS C 32 7.92 8.53 13.62
C LYS C 32 6.99 9.00 14.76
N ARG C 33 7.53 9.51 15.86
CA ARG C 33 6.66 9.93 16.96
C ARG C 33 5.72 11.02 16.52
N LEU C 34 6.24 11.94 15.71
CA LEU C 34 5.49 13.10 15.29
C LEU C 34 4.47 12.69 14.23
N THR C 35 4.87 11.79 13.34
CA THR C 35 3.97 11.26 12.33
C THR C 35 2.77 10.60 12.98
N ARG C 36 3.00 9.81 14.02
CA ARG C 36 1.92 9.20 14.78
C ARG C 36 0.93 10.23 15.34
N LEU C 37 1.43 11.34 15.91
CA LEU C 37 0.53 12.38 16.39
C LEU C 37 -0.23 13.01 15.25
N TYR C 38 0.50 13.36 14.19
CA TYR C 38 -0.11 13.96 13.02
C TYR C 38 -1.26 13.10 12.51
N ASN C 39 -0.97 11.83 12.25
CA ASN C 39 -1.95 10.93 11.72
C ASN C 39 -3.22 10.87 12.60
N GLU C 40 -3.02 10.80 13.91
CA GLU C 40 -4.12 10.82 14.84
C GLU C 40 -4.90 12.14 14.72
N ALA C 41 -4.20 13.25 14.57
CA ALA C 41 -4.86 14.54 14.48
C ALA C 41 -5.71 14.63 13.22
N VAL C 42 -5.19 14.15 12.10
CA VAL C 42 -5.98 14.26 10.87
C VAL C 42 -7.11 13.24 10.92
N GLU C 43 -6.83 12.03 11.38
CA GLU C 43 -7.88 11.03 11.50
C GLU C 43 -9.06 11.47 12.35
N THR C 44 -8.81 12.16 13.44
CA THR C 44 -9.89 12.51 14.34
C THR C 44 -10.43 13.88 14.02
N GLY C 45 -9.92 14.48 12.96
CA GLY C 45 -10.46 15.75 12.50
C GLY C 45 -10.07 16.94 13.34
N ASP C 46 -8.94 16.89 14.04
CA ASP C 46 -8.57 18.03 14.87
C ASP C 46 -7.93 19.21 14.08
N GLU C 47 -8.20 20.42 14.55
N GLU C 47 -8.24 20.45 14.46
CA GLU C 47 -7.79 21.65 13.88
CA GLU C 47 -7.69 21.59 13.71
C GLU C 47 -6.28 21.89 13.94
C GLU C 47 -6.17 21.56 13.74
N ARG C 48 -5.62 21.23 14.89
CA ARG C 48 -4.19 21.34 15.08
C ARG C 48 -3.39 20.41 14.18
N ARG C 49 -4.06 19.65 13.34
CA ARG C 49 -3.33 18.80 12.43
C ARG C 49 -2.33 19.65 11.62
N PHE C 50 -2.74 20.84 11.17
CA PHE C 50 -1.83 21.68 10.38
C PHE C 50 -0.63 22.14 11.20
N THR C 51 -0.86 22.58 12.42
CA THR C 51 0.27 23.04 13.19
C THR C 51 1.28 21.90 13.41
N LEU C 52 0.78 20.67 13.58
CA LEU C 52 1.65 19.48 13.68
C LEU C 52 2.37 19.16 12.35
N LEU C 53 1.62 19.17 11.25
CA LEU C 53 2.19 18.92 9.94
C LEU C 53 3.30 19.95 9.61
N ASN C 54 3.13 21.19 10.07
CA ASN C 54 4.13 22.22 9.81
C ASN C 54 5.42 22.04 10.62
N GLN C 55 5.38 21.27 11.70
CA GLN C 55 6.60 20.81 12.36
C GLN C 55 7.25 19.61 11.67
N LEU C 56 6.47 18.84 10.91
CA LEU C 56 6.96 17.59 10.31
C LEU C 56 7.65 17.86 8.98
N LEU C 57 6.95 18.56 8.10
CA LEU C 57 7.47 18.83 6.76
C LEU C 57 8.57 19.88 6.81
N GLY C 58 9.51 19.81 5.87
CA GLY C 58 10.51 20.86 5.75
C GLY C 58 9.86 22.22 5.52
N SER C 59 8.93 22.30 4.57
CA SER C 59 8.18 23.53 4.35
C SER C 59 6.95 23.28 3.50
N SER C 60 5.97 24.14 3.67
CA SER C 60 4.84 24.19 2.75
C SER C 60 4.63 25.66 2.40
N ALA C 61 4.04 25.94 1.26
CA ALA C 61 3.93 27.33 0.87
C ALA C 61 2.88 28.07 1.69
N ASP C 62 1.88 27.37 2.18
CA ASP C 62 0.76 28.08 2.79
C ASP C 62 0.38 27.57 4.18
N GLY C 63 1.11 26.56 4.68
CA GLY C 63 0.87 25.97 6.00
C GLY C 63 -0.43 25.21 6.14
N LYS C 64 -1.02 24.85 5.00
CA LYS C 64 -2.36 24.32 4.92
C LYS C 64 -2.41 23.07 4.03
N ALA C 65 -1.31 22.33 3.97
CA ALA C 65 -1.26 21.08 3.21
C ALA C 65 -2.26 20.08 3.78
N GLN C 66 -2.93 19.34 2.90
CA GLN C 66 -3.95 18.36 3.30
C GLN C 66 -3.43 16.98 3.05
N ILE C 67 -3.13 16.27 4.13
CA ILE C 67 -2.59 14.93 3.99
C ILE C 67 -3.39 13.94 4.85
N ASN C 68 -4.07 13.02 4.18
CA ASN C 68 -4.86 12.01 4.87
C ASN C 68 -4.01 10.96 5.60
N PRO C 69 -4.60 10.24 6.57
CA PRO C 69 -3.85 9.19 7.28
C PRO C 69 -3.71 7.92 6.41
N ASP C 70 -2.75 7.03 6.68
CA ASP C 70 -1.63 7.28 7.58
C ASP C 70 -0.46 7.67 6.73
N PHE C 71 -0.02 8.91 6.88
CA PHE C 71 1.12 9.41 6.13
C PHE C 71 2.41 8.84 6.71
N ARG C 72 3.42 8.59 5.89
CA ARG C 72 4.71 8.16 6.45
C ARG C 72 5.91 8.77 5.74
N CYS C 73 6.93 9.11 6.52
CA CYS C 73 8.16 9.64 5.95
C CYS C 73 9.35 9.28 6.81
N ASP C 74 10.52 9.26 6.18
CA ASP C 74 11.80 9.08 6.83
C ASP C 74 12.17 10.18 7.82
N TYR C 75 12.23 11.43 7.34
CA TYR C 75 12.74 12.59 8.08
C TYR C 75 11.72 13.69 8.21
N GLY C 76 10.93 13.88 7.16
CA GLY C 76 9.96 14.95 7.15
C GLY C 76 10.58 16.24 6.61
N TYR C 77 11.70 16.65 7.19
CA TYR C 77 12.27 17.96 6.94
C TYR C 77 12.89 18.15 5.53
N ASN C 78 13.04 17.07 4.77
CA ASN C 78 13.46 17.16 3.37
C ASN C 78 12.31 17.30 2.37
N ILE C 79 11.10 17.43 2.89
CA ILE C 79 9.93 17.50 2.05
C ILE C 79 9.51 18.94 2.01
N HIS C 80 9.40 19.48 0.79
CA HIS C 80 9.02 20.89 0.61
C HIS C 80 7.91 20.98 -0.41
N VAL C 81 6.72 21.37 0.04
CA VAL C 81 5.57 21.44 -0.84
C VAL C 81 5.12 22.89 -1.12
N GLY C 82 4.57 23.10 -2.32
CA GLY C 82 3.98 24.36 -2.71
C GLY C 82 2.60 24.60 -2.10
N LYS C 83 1.79 25.45 -2.73
CA LYS C 83 0.48 25.74 -2.16
C LYS C 83 -0.53 24.69 -2.56
N SER C 84 -1.57 24.58 -1.74
CA SER C 84 -2.64 23.63 -1.95
C SER C 84 -2.18 22.20 -2.21
N PHE C 85 -1.23 21.73 -1.41
CA PHE C 85 -0.85 20.33 -1.51
C PHE C 85 -1.93 19.40 -0.98
N PHE C 86 -2.20 18.32 -1.71
CA PHE C 86 -3.13 17.31 -1.27
C PHE C 86 -2.54 15.93 -1.49
N ALA C 87 -2.63 15.09 -0.46
CA ALA C 87 -2.26 13.67 -0.56
C ALA C 87 -3.34 12.87 0.15
N ASN C 88 -3.88 11.88 -0.55
CA ASN C 88 -4.89 11.00 0.03
C ASN C 88 -4.28 9.88 0.90
N PHE C 89 -5.07 8.87 1.21
CA PHE C 89 -4.70 7.91 2.23
C PHE C 89 -3.35 7.23 1.99
N ASN C 90 -2.57 7.09 3.05
CA ASN C 90 -1.39 6.20 3.03
C ASN C 90 -0.31 6.53 2.02
N CYS C 91 0.08 7.78 1.89
CA CYS C 91 1.26 8.08 1.09
C CYS C 91 2.54 7.91 1.92
N VAL C 92 3.56 7.38 1.25
CA VAL C 92 4.88 7.24 1.83
C VAL C 92 5.88 8.11 1.05
N ILE C 93 6.59 8.94 1.78
CA ILE C 93 7.71 9.68 1.23
C ILE C 93 9.04 9.40 1.95
N LEU C 94 9.98 8.72 1.28
CA LEU C 94 11.32 8.56 1.83
C LEU C 94 12.19 9.73 1.39
N ASP C 95 12.22 10.75 2.23
CA ASP C 95 12.97 11.94 1.90
C ASP C 95 14.42 11.96 2.47
N VAL C 96 15.22 10.94 2.16
CA VAL C 96 16.64 10.99 2.56
C VAL C 96 17.32 12.18 1.85
N CYS C 97 16.93 12.45 0.60
CA CYS C 97 17.32 13.69 -0.10
C CYS C 97 16.08 14.53 -0.31
N GLU C 98 16.27 15.75 -0.80
CA GLU C 98 15.17 16.66 -1.02
C GLU C 98 14.01 16.05 -1.83
N VAL C 99 12.78 16.31 -1.40
CA VAL C 99 11.63 16.12 -2.25
C VAL C 99 10.93 17.49 -2.43
N ARG C 100 11.06 18.08 -3.62
N ARG C 100 11.06 18.08 -3.62
CA ARG C 100 10.43 19.37 -3.92
CA ARG C 100 10.42 19.37 -3.89
C ARG C 100 9.19 19.15 -4.74
C ARG C 100 9.19 19.17 -4.74
N ILE C 101 8.06 19.65 -4.23
CA ILE C 101 6.79 19.52 -4.92
C ILE C 101 6.21 20.93 -5.13
N GLY C 102 5.82 21.21 -6.36
CA GLY C 102 5.25 22.50 -6.74
C GLY C 102 3.89 22.78 -6.16
N ASP C 103 3.17 23.73 -6.76
CA ASP C 103 1.83 24.12 -6.28
C ASP C 103 0.73 23.33 -6.96
N HIS C 104 -0.38 23.16 -6.25
CA HIS C 104 -1.55 22.48 -6.77
C HIS C 104 -1.28 21.06 -7.23
N CYS C 105 -0.41 20.37 -6.50
CA CYS C 105 -0.17 18.97 -6.76
C CYS C 105 -1.11 18.14 -5.91
N PHE C 107 -1.79 13.99 -4.81
CA PHE C 107 -1.48 12.57 -4.77
C PHE C 107 -2.72 11.79 -4.37
N ALA C 108 -3.06 10.76 -5.13
CA ALA C 108 -4.17 9.88 -4.82
C ALA C 108 -3.71 8.88 -3.73
N PRO C 109 -4.58 7.97 -3.29
CA PRO C 109 -4.08 7.12 -2.20
C PRO C 109 -2.88 6.25 -2.60
N GLY C 110 -2.02 5.98 -1.63
CA GLY C 110 -0.99 4.96 -1.79
C GLY C 110 0.18 5.31 -2.66
N VAL C 111 0.31 6.60 -3.00
CA VAL C 111 1.45 7.05 -3.78
C VAL C 111 2.72 6.92 -2.94
N HIS C 112 3.79 6.45 -3.58
CA HIS C 112 5.10 6.38 -2.92
C HIS C 112 6.14 7.15 -3.69
N ILE C 113 6.86 8.01 -2.98
CA ILE C 113 8.00 8.75 -3.50
C ILE C 113 9.23 8.25 -2.79
N TYR C 114 10.18 7.69 -3.55
CA TYR C 114 11.46 7.27 -2.97
C TYR C 114 12.63 8.14 -3.42
N THR C 115 13.37 8.71 -2.46
CA THR C 115 14.70 9.24 -2.78
C THR C 115 15.81 8.29 -2.31
N ALA C 116 15.44 7.30 -1.51
CA ALA C 116 16.39 6.36 -0.95
C ALA C 116 16.70 5.25 -1.93
N THR C 117 17.99 4.90 -2.01
CA THR C 117 18.36 3.71 -2.75
C THR C 117 19.59 2.97 -2.17
N HIS C 118 20.00 1.89 -2.83
CA HIS C 118 21.13 1.10 -2.39
C HIS C 118 22.02 0.69 -3.56
N PRO C 119 23.30 0.40 -3.28
CA PRO C 119 24.22 -0.20 -4.25
C PRO C 119 23.68 -1.52 -4.76
N LEU C 120 23.91 -1.86 -6.01
CA LEU C 120 23.43 -3.15 -6.53
C LEU C 120 24.23 -4.37 -6.04
N HIS C 121 25.50 -4.16 -5.72
CA HIS C 121 26.34 -5.26 -5.27
C HIS C 121 26.25 -5.49 -3.76
N PRO C 122 26.18 -6.76 -3.37
CA PRO C 122 25.80 -7.19 -2.02
C PRO C 122 26.73 -6.63 -0.97
N VAL C 123 28.03 -6.64 -1.27
CA VAL C 123 29.00 -6.27 -0.27
C VAL C 123 28.88 -4.80 0.03
N GLU C 124 28.84 -4.00 -1.02
CA GLU C 124 28.70 -2.56 -0.82
C GLU C 124 27.34 -2.28 -0.17
N ARG C 125 26.29 -2.94 -0.64
CA ARG C 125 24.98 -2.76 -0.05
C ARG C 125 24.91 -3.12 1.44
N ASN C 126 25.67 -4.12 1.85
CA ASN C 126 25.62 -4.56 3.25
C ASN C 126 26.64 -3.84 4.13
N SER C 127 27.27 -2.81 3.59
CA SER C 127 28.34 -2.12 4.29
C SER C 127 27.87 -1.12 5.34
N GLY C 128 26.59 -1.15 5.69
CA GLY C 128 26.03 -0.13 6.55
C GLY C 128 25.95 1.25 5.87
N LYS C 129 26.40 1.33 4.62
CA LYS C 129 26.27 2.57 3.86
C LYS C 129 25.22 2.51 2.74
N GLU C 130 24.57 3.64 2.48
CA GLU C 130 23.57 3.75 1.42
C GLU C 130 23.57 5.18 0.92
N TYR C 131 22.68 5.52 -0.02
CA TYR C 131 22.60 6.92 -0.51
C TYR C 131 21.24 7.22 -1.14
N GLY C 132 21.07 8.44 -1.61
CA GLY C 132 19.83 8.82 -2.25
C GLY C 132 19.99 9.82 -3.37
N LYS C 133 18.93 9.94 -4.20
CA LYS C 133 18.87 10.90 -5.30
C LYS C 133 17.53 11.64 -5.14
N PRO C 134 17.58 12.98 -5.07
CA PRO C 134 16.42 13.86 -4.85
C PRO C 134 15.36 13.73 -5.93
N VAL C 135 14.15 14.17 -5.60
CA VAL C 135 13.03 14.05 -6.52
C VAL C 135 12.42 15.42 -6.66
N LYS C 136 12.09 15.80 -7.89
CA LYS C 136 11.49 17.10 -8.13
C LYS C 136 10.21 16.94 -8.92
N ILE C 137 9.13 17.52 -8.39
CA ILE C 137 7.82 17.45 -9.04
C ILE C 137 7.34 18.88 -9.24
N GLY C 138 6.92 19.20 -10.46
CA GLY C 138 6.54 20.56 -10.80
C GLY C 138 5.18 20.98 -10.28
N ASN C 139 4.51 21.88 -11.01
CA ASN C 139 3.23 22.42 -10.60
C ASN C 139 2.11 21.70 -11.31
N ASN C 140 0.93 21.72 -10.69
CA ASN C 140 -0.25 21.07 -11.26
C ASN C 140 -0.10 19.60 -11.62
N VAL C 141 0.78 18.90 -10.91
CA VAL C 141 0.94 17.47 -11.14
C VAL C 141 -0.13 16.63 -10.38
N TRP C 142 -0.71 15.67 -11.09
CA TRP C 142 -1.62 14.73 -10.47
C TRP C 142 -1.00 13.34 -10.55
N VAL C 143 -0.68 12.77 -9.40
CA VAL C 143 -0.18 11.40 -9.32
C VAL C 143 -1.31 10.48 -8.92
N GLY C 144 -1.68 9.59 -9.83
CA GLY C 144 -2.76 8.65 -9.59
C GLY C 144 -2.40 7.59 -8.57
N GLY C 145 -3.42 6.89 -8.07
CA GLY C 145 -3.29 6.02 -6.92
C GLY C 145 -2.30 4.89 -7.12
N GLY C 146 -1.50 4.65 -6.09
CA GLY C 146 -0.51 3.59 -6.10
C GLY C 146 0.67 3.79 -7.04
N ALA C 147 0.84 4.99 -7.58
CA ALA C 147 1.99 5.24 -8.44
C ALA C 147 3.27 5.27 -7.59
N ILE C 148 4.40 4.97 -8.22
CA ILE C 148 5.70 4.98 -7.60
C ILE C 148 6.63 5.96 -8.31
N ILE C 149 7.16 6.95 -7.57
CA ILE C 149 8.17 7.86 -8.11
C ILE C 149 9.54 7.46 -7.57
N ASN C 150 10.40 6.91 -8.44
CA ASN C 150 11.72 6.40 -8.06
C ASN C 150 12.75 7.51 -7.82
N PRO C 151 13.87 7.18 -7.16
CA PRO C 151 14.79 8.25 -6.77
C PRO C 151 15.45 8.93 -7.96
N GLY C 152 15.65 10.24 -7.87
CA GLY C 152 16.26 10.99 -8.96
C GLY C 152 15.33 11.43 -10.09
N VAL C 153 14.05 11.07 -9.99
CA VAL C 153 13.09 11.45 -11.02
C VAL C 153 12.61 12.88 -10.89
N SER C 154 12.47 13.52 -12.05
CA SER C 154 11.83 14.82 -12.21
C SER C 154 10.51 14.67 -12.95
N ILE C 155 9.48 15.32 -12.45
CA ILE C 155 8.21 15.34 -13.15
C ILE C 155 7.93 16.78 -13.50
N GLY C 156 7.72 17.01 -14.80
CA GLY C 156 7.40 18.34 -15.29
C GLY C 156 6.01 18.79 -14.91
N ASP C 157 5.83 20.12 -14.93
CA ASP C 157 4.52 20.77 -14.77
C ASP C 157 3.41 20.13 -15.58
N ASN C 158 2.23 20.04 -14.96
CA ASN C 158 1.01 19.56 -15.62
C ASN C 158 0.97 18.09 -15.99
N ALA C 159 1.99 17.33 -15.58
CA ALA C 159 2.01 15.90 -15.85
C ALA C 159 0.92 15.16 -15.07
N VAL C 160 0.43 14.10 -15.68
CA VAL C 160 -0.51 13.24 -15.02
C VAL C 160 0.08 11.82 -14.97
N ILE C 161 0.29 11.30 -13.76
CA ILE C 161 0.76 9.94 -13.59
C ILE C 161 -0.46 9.05 -13.41
N ALA C 162 -0.63 8.08 -14.31
CA ALA C 162 -1.72 7.13 -14.20
C ALA C 162 -1.61 6.32 -12.91
N SER C 163 -2.75 5.84 -12.42
CA SER C 163 -2.73 4.95 -11.27
C SER C 163 -1.83 3.75 -11.55
N GLY C 164 -1.04 3.34 -10.55
CA GLY C 164 -0.21 2.16 -10.66
C GLY C 164 1.06 2.33 -11.48
N ALA C 165 1.32 3.53 -11.96
CA ALA C 165 2.45 3.76 -12.85
C ALA C 165 3.73 3.66 -12.04
N VAL C 166 4.74 3.02 -12.62
CA VAL C 166 6.05 2.95 -11.98
C VAL C 166 7.01 3.87 -12.70
N VAL C 167 7.24 5.05 -12.15
CA VAL C 167 8.01 6.06 -12.86
C VAL C 167 9.53 5.93 -12.60
N THR C 168 10.26 5.48 -13.61
CA THR C 168 11.70 5.24 -13.47
C THR C 168 12.60 6.28 -14.12
N LYS C 169 12.03 7.14 -14.98
CA LYS C 169 12.80 8.14 -15.73
C LYS C 169 12.12 9.48 -15.62
N ASP C 170 12.83 10.56 -15.97
CA ASP C 170 12.18 11.89 -15.91
C ASP C 170 10.94 11.94 -16.78
N VAL C 171 9.95 12.71 -16.31
CA VAL C 171 8.68 12.88 -17.00
C VAL C 171 8.58 14.35 -17.41
N PRO C 172 8.37 14.60 -18.70
CA PRO C 172 8.33 15.99 -19.18
C PRO C 172 7.02 16.64 -18.82
N ASN C 173 6.97 17.97 -18.87
CA ASN C 173 5.74 18.77 -18.86
C ASN C 173 4.58 18.17 -19.64
N ASN C 174 3.36 18.32 -19.13
CA ASN C 174 2.21 18.24 -20.00
C ASN C 174 1.99 16.91 -20.71
N VAL C 175 2.41 15.81 -20.09
CA VAL C 175 2.06 14.48 -20.57
C VAL C 175 1.30 13.65 -19.54
N VAL C 176 0.58 12.65 -20.04
CA VAL C 176 0.04 11.57 -19.24
C VAL C 176 0.92 10.35 -19.43
N VAL C 177 1.48 9.83 -18.33
CA VAL C 177 2.22 8.57 -18.41
C VAL C 177 1.54 7.48 -17.60
N GLY C 178 1.77 6.24 -18.00
CA GLY C 178 1.18 5.11 -17.34
C GLY C 178 1.99 3.87 -17.61
N GLY C 179 1.73 2.81 -16.82
CA GLY C 179 2.36 1.52 -16.99
C GLY C 179 3.61 1.28 -16.17
N ASN C 180 4.19 0.10 -16.37
CA ASN C 180 5.39 -0.31 -15.67
C ASN C 180 6.36 -0.91 -16.68
N PRO C 181 7.42 -0.17 -17.05
CA PRO C 181 7.72 1.18 -16.52
C PRO C 181 6.85 2.20 -17.21
N ALA C 182 6.73 3.37 -16.60
CA ALA C 182 5.81 4.36 -17.11
C ALA C 182 6.25 4.82 -18.51
N LYS C 183 5.30 4.90 -19.43
CA LYS C 183 5.50 5.45 -20.78
C LYS C 183 4.47 6.55 -21.04
N VAL C 184 4.75 7.45 -21.98
CA VAL C 184 3.77 8.45 -22.37
C VAL C 184 2.55 7.80 -23.01
N ILE C 185 1.34 8.16 -22.59
CA ILE C 185 0.15 7.71 -23.31
C ILE C 185 -0.43 8.80 -24.19
N LYS C 186 -0.38 10.05 -23.72
CA LYS C 186 -0.89 11.17 -24.49
C LYS C 186 -0.35 12.46 -23.91
N THR C 187 -0.43 13.54 -24.67
CA THR C 187 -0.02 14.83 -24.15
C THR C 187 -1.27 15.58 -23.74
N ILE C 188 -1.07 16.62 -22.93
CA ILE C 188 -2.17 17.40 -22.39
C ILE C 188 -1.85 18.85 -22.57
N GLU C 189 -2.66 19.58 -23.29
CA GLU C 189 -2.45 21.01 -23.30
C GLU C 189 -3.68 21.75 -22.82
N GLU C 190 -3.50 22.87 -22.11
CA GLU C 190 -4.68 23.47 -21.48
C GLU C 190 -5.82 23.86 -22.47
#